data_8BXR
#
_entry.id   8BXR
#
_cell.length_a   30.360
_cell.length_b   89.110
_cell.length_c   128.050
_cell.angle_alpha   90.000
_cell.angle_beta   90.000
_cell.angle_gamma   90.000
#
_symmetry.space_group_name_H-M   'P 21 21 21'
#
loop_
_entity.id
_entity.type
_entity.pdbx_description
1 polymer Titin
2 non-polymer 1,2-ETHANEDIOL
3 water water
#
_entity_poly.entity_id   1
_entity_poly.type   'polypeptide(L)'
_entity_poly.pdbx_seq_one_letter_code
;GAMEPTMDLSAFKDGLEVIVPNPITTLVPSTGYPRPTATWCFGDKVLETGDRVKMKTLSAYAELVISPSERSDKGIYTLK
LENRVKTISGEIDVNVIARPSAPKELKFGDITKDSVHLTWEPPDDDGGSPLTGYVVEKREVSRKTWTKVMDFVTDLEFTV
PDLVQGKEYLFRVCARNKCGPGEPAYVDEPVNMSTPATVPDPPENVKWRDRTANSIFLTWDPPKNDGGSRIKGYIVERCP
RGSDKWVACGEPVAETKMEVTGLEEGKWYAYRVKALNRQGASKPSRPTEEIQAVDTQEAP
;
_entity_poly.pdbx_strand_id   A
#
# COMPACT_ATOMS: atom_id res chain seq x y z
N GLY A 1 -54.78 43.66 4.92
CA GLY A 1 -54.00 42.83 5.80
C GLY A 1 -52.90 42.04 5.11
N ALA A 2 -51.82 41.77 5.83
CA ALA A 2 -50.70 41.00 5.31
C ALA A 2 -49.87 40.49 6.47
N MET A 3 -48.97 39.55 6.17
CA MET A 3 -48.08 38.98 7.18
C MET A 3 -46.72 38.69 6.57
N GLU A 4 -45.69 38.88 7.38
CA GLU A 4 -44.31 38.71 6.94
C GLU A 4 -44.00 37.23 6.72
N PRO A 5 -43.01 36.93 5.87
CA PRO A 5 -42.58 35.54 5.72
C PRO A 5 -41.86 35.06 6.97
N THR A 6 -42.13 33.82 7.36
CA THR A 6 -41.45 33.19 8.48
C THR A 6 -40.95 31.83 8.04
N MET A 7 -39.79 31.42 8.55
CA MET A 7 -39.22 30.11 8.26
C MET A 7 -38.86 29.41 9.56
N ASP A 8 -38.93 28.08 9.53
CA ASP A 8 -38.66 27.23 10.69
C ASP A 8 -37.40 26.42 10.39
N LEU A 9 -36.28 26.83 10.99
CA LEU A 9 -34.99 26.18 10.78
C LEU A 9 -34.55 25.37 11.98
N SER A 10 -35.45 25.09 12.92
CA SER A 10 -35.09 24.40 14.16
C SER A 10 -34.59 22.97 13.92
N ALA A 11 -34.80 22.42 12.72
CA ALA A 11 -34.31 21.08 12.41
C ALA A 11 -32.85 21.07 11.98
N PHE A 12 -32.23 22.23 11.79
CA PHE A 12 -30.85 22.32 11.34
C PHE A 12 -29.97 23.07 12.34
N LYS A 13 -30.40 23.16 13.60
CA LYS A 13 -29.60 23.87 14.60
C LYS A 13 -28.23 23.22 14.77
N ASP A 14 -28.19 21.88 14.81
CA ASP A 14 -26.91 21.19 14.82
C ASP A 14 -26.25 21.22 13.45
N GLY A 15 -27.04 21.28 12.38
CA GLY A 15 -26.55 21.24 11.03
C GLY A 15 -27.15 20.08 10.27
N LEU A 16 -26.60 19.82 9.08
CA LEU A 16 -27.05 18.73 8.23
C LEU A 16 -25.85 17.90 7.82
N GLU A 17 -25.86 16.62 8.20
CA GLU A 17 -24.81 15.68 7.86
C GLU A 17 -25.32 14.71 6.80
N VAL A 18 -24.59 14.62 5.69
CA VAL A 18 -25.01 13.82 4.54
C VAL A 18 -23.84 12.97 4.08
N ILE A 19 -24.07 11.67 3.94
CA ILE A 19 -23.06 10.74 3.43
C ILE A 19 -23.27 10.57 1.94
N VAL A 20 -22.19 10.75 1.17
CA VAL A 20 -22.25 10.58 -0.29
C VAL A 20 -22.67 9.15 -0.62
N PRO A 21 -23.52 8.93 -1.63
CA PRO A 21 -24.17 9.89 -2.53
C PRO A 21 -25.61 10.19 -2.15
N ASN A 22 -26.00 9.95 -0.91
CA ASN A 22 -27.38 10.17 -0.50
C ASN A 22 -27.78 11.63 -0.71
N PRO A 23 -29.05 11.89 -1.02
CA PRO A 23 -29.45 13.26 -1.37
C PRO A 23 -29.39 14.20 -0.18
N ILE A 24 -29.12 15.47 -0.48
CA ILE A 24 -29.19 16.54 0.51
C ILE A 24 -30.57 17.15 0.41
N THR A 25 -31.41 16.88 1.41
CA THR A 25 -32.80 17.32 1.41
C THR A 25 -33.01 18.33 2.52
N THR A 26 -33.40 19.55 2.15
CA THR A 26 -33.65 20.63 3.10
C THR A 26 -35.09 21.09 2.93
N LEU A 27 -35.94 20.76 3.90
CA LEU A 27 -37.34 21.15 3.91
C LEU A 27 -37.54 22.15 5.04
N VAL A 28 -38.08 23.33 4.69
CA VAL A 28 -38.23 24.44 5.63
C VAL A 28 -39.70 24.84 5.66
N PRO A 29 -40.39 24.70 6.79
CA PRO A 29 -41.78 25.17 6.87
C PRO A 29 -41.84 26.68 6.76
N SER A 30 -42.68 27.17 5.85
CA SER A 30 -42.78 28.60 5.56
C SER A 30 -44.22 29.09 5.79
N THR A 31 -44.33 30.30 6.29
CA THR A 31 -45.61 31.00 6.43
C THR A 31 -45.48 32.39 5.81
N GLY A 32 -46.61 33.08 5.69
CA GLY A 32 -46.62 34.42 5.14
C GLY A 32 -47.76 34.69 4.18
N TYR A 33 -48.45 35.80 4.36
CA TYR A 33 -49.55 36.21 3.48
C TYR A 33 -49.25 37.61 2.97
N PRO A 34 -49.07 37.82 1.66
CA PRO A 34 -49.17 36.86 0.55
C PRO A 34 -48.12 35.76 0.60
N ARG A 35 -48.30 34.69 -0.17
CA ARG A 35 -47.36 33.58 -0.14
C ARG A 35 -45.98 34.07 -0.57
N PRO A 36 -44.93 33.78 0.19
CA PRO A 36 -43.61 34.29 -0.15
C PRO A 36 -42.98 33.52 -1.30
N THR A 37 -41.97 34.15 -1.91
CA THR A 37 -41.21 33.55 -3.00
C THR A 37 -39.91 32.97 -2.45
N ALA A 38 -39.57 31.76 -2.86
CA ALA A 38 -38.38 31.08 -2.40
C ALA A 38 -37.21 31.32 -3.33
N THR A 39 -36.04 31.61 -2.73
CA THR A 39 -34.79 31.79 -3.47
C THR A 39 -33.71 31.02 -2.76
N TRP A 40 -33.04 30.12 -3.47
CA TRP A 40 -32.01 29.27 -2.90
C TRP A 40 -30.63 29.70 -3.40
N CYS A 41 -29.68 29.81 -2.48
CA CYS A 41 -28.30 30.18 -2.80
C CYS A 41 -27.34 29.24 -2.10
N PHE A 42 -26.31 28.82 -2.83
CA PHE A 42 -25.21 28.04 -2.27
C PHE A 42 -23.98 28.93 -2.29
N GLY A 43 -23.56 29.38 -1.11
CA GLY A 43 -22.52 30.40 -1.07
C GLY A 43 -23.10 31.70 -1.59
N ASP A 44 -22.30 32.38 -2.42
CA ASP A 44 -22.73 33.63 -3.06
C ASP A 44 -23.29 33.40 -4.46
N LYS A 45 -23.76 32.19 -4.74
CA LYS A 45 -24.28 31.84 -6.06
C LYS A 45 -25.73 31.41 -5.94
N VAL A 46 -26.56 31.87 -6.88
CA VAL A 46 -27.98 31.53 -6.86
C VAL A 46 -28.17 30.17 -7.51
N LEU A 47 -28.86 29.28 -6.80
CA LEU A 47 -29.17 27.97 -7.34
C LEU A 47 -30.42 28.01 -8.20
N GLU A 48 -30.42 27.22 -9.27
CA GLU A 48 -31.57 27.07 -10.12
C GLU A 48 -31.65 25.61 -10.57
N THR A 49 -32.89 25.10 -10.69
CA THR A 49 -33.11 23.70 -11.00
C THR A 49 -32.35 23.28 -12.25
N GLY A 50 -31.78 22.09 -12.20
CA GLY A 50 -30.98 21.57 -13.30
C GLY A 50 -30.11 20.41 -12.85
N ASP A 51 -30.37 19.23 -13.43
CA ASP A 51 -29.66 18.00 -13.08
C ASP A 51 -29.75 17.72 -11.58
N ARG A 52 -28.62 17.81 -10.87
CA ARG A 52 -28.58 17.48 -9.45
C ARG A 52 -29.38 18.45 -8.61
N VAL A 53 -29.56 19.68 -9.08
CA VAL A 53 -30.28 20.70 -8.32
C VAL A 53 -31.77 20.59 -8.64
N LYS A 54 -32.58 20.33 -7.61
CA LYS A 54 -34.02 20.25 -7.75
C LYS A 54 -34.68 20.97 -6.59
N MET A 55 -35.70 21.76 -6.90
CA MET A 55 -36.41 22.57 -5.90
C MET A 55 -37.90 22.47 -6.13
N LYS A 56 -38.66 22.54 -5.03
CA LYS A 56 -40.11 22.59 -5.09
C LYS A 56 -40.63 23.50 -4.00
N THR A 57 -41.81 24.08 -4.22
CA THR A 57 -42.45 24.94 -3.25
C THR A 57 -43.92 24.56 -3.12
N LEU A 58 -44.36 24.32 -1.90
CA LEU A 58 -45.77 24.19 -1.58
C LEU A 58 -46.19 25.41 -0.76
N SER A 59 -47.49 25.47 -0.44
CA SER A 59 -47.97 26.57 0.38
C SER A 59 -47.39 26.51 1.79
N ALA A 60 -47.04 25.31 2.26
CA ALA A 60 -46.58 25.13 3.63
C ALA A 60 -45.08 25.17 3.78
N TYR A 61 -44.32 24.92 2.71
CA TYR A 61 -42.88 24.82 2.84
C TYR A 61 -42.20 25.10 1.51
N ALA A 62 -40.89 25.29 1.58
CA ALA A 62 -40.00 25.35 0.43
C ALA A 62 -38.89 24.33 0.64
N GLU A 63 -38.57 23.56 -0.39
CA GLU A 63 -37.66 22.44 -0.24
C GLU A 63 -36.59 22.47 -1.33
N LEU A 64 -35.37 22.13 -0.94
CA LEU A 64 -34.23 22.02 -1.85
C LEU A 64 -33.66 20.62 -1.76
N VAL A 65 -33.44 19.99 -2.91
CA VAL A 65 -32.90 18.64 -2.99
C VAL A 65 -31.70 18.66 -3.93
N ILE A 66 -30.57 18.12 -3.46
CA ILE A 66 -29.36 17.96 -4.26
C ILE A 66 -29.06 16.47 -4.29
N SER A 67 -29.26 15.84 -5.46
CA SER A 67 -29.04 14.40 -5.61
C SER A 67 -28.44 14.11 -6.98
N PRO A 68 -27.36 13.32 -7.05
CA PRO A 68 -26.61 12.71 -5.92
C PRO A 68 -25.66 13.72 -5.27
N SER A 69 -25.32 13.51 -4.00
CA SER A 69 -24.43 14.43 -3.31
C SER A 69 -22.98 14.20 -3.70
N GLU A 70 -22.19 15.27 -3.64
CA GLU A 70 -20.76 15.22 -3.87
C GLU A 70 -20.05 15.93 -2.73
N ARG A 71 -18.74 15.73 -2.65
CA ARG A 71 -17.97 16.44 -1.63
C ARG A 71 -17.97 17.94 -1.88
N SER A 72 -18.05 18.36 -3.14
CA SER A 72 -18.05 19.78 -3.47
C SER A 72 -19.32 20.50 -3.04
N ASP A 73 -20.38 19.76 -2.68
CA ASP A 73 -21.63 20.36 -2.23
C ASP A 73 -21.55 20.89 -0.80
N LYS A 74 -20.43 20.69 -0.10
CA LYS A 74 -20.29 21.18 1.26
C LYS A 74 -20.23 22.70 1.27
N GLY A 75 -20.95 23.30 2.22
CA GLY A 75 -20.99 24.75 2.33
C GLY A 75 -22.22 25.17 3.12
N ILE A 76 -22.59 26.44 2.92
CA ILE A 76 -23.72 27.04 3.61
C ILE A 76 -24.77 27.40 2.56
N TYR A 77 -25.96 26.83 2.72
CA TYR A 77 -27.08 27.08 1.82
C TYR A 77 -28.01 28.11 2.46
N THR A 78 -28.44 29.08 1.67
CA THR A 78 -29.23 30.19 2.16
C THR A 78 -30.59 30.20 1.46
N LEU A 79 -31.65 30.38 2.24
CA LEU A 79 -33.01 30.45 1.74
C LEU A 79 -33.57 31.84 1.99
N LYS A 80 -34.03 32.50 0.92
CA LYS A 80 -34.66 33.81 1.03
C LYS A 80 -36.14 33.69 0.70
N LEU A 81 -36.98 34.07 1.66
CA LEU A 81 -38.43 34.17 1.46
C LEU A 81 -38.80 35.64 1.35
N GLU A 82 -39.65 35.96 0.36
CA GLU A 82 -39.95 37.35 0.02
C GLU A 82 -41.41 37.52 -0.36
N ASN A 83 -42.10 38.39 0.38
CA ASN A 83 -43.42 38.88 -0.04
C ASN A 83 -43.42 40.41 0.02
N ARG A 84 -44.59 41.04 -0.02
CA ARG A 84 -44.64 42.50 -0.01
C ARG A 84 -44.26 43.10 1.34
N VAL A 85 -44.40 42.35 2.43
CA VAL A 85 -44.11 42.87 3.76
C VAL A 85 -42.60 42.97 3.98
N LYS A 86 -41.88 41.88 3.79
CA LYS A 86 -40.45 41.83 4.12
C LYS A 86 -39.78 40.72 3.35
N THR A 87 -38.45 40.77 3.31
CA THR A 87 -37.62 39.71 2.74
C THR A 87 -36.74 39.15 3.85
N ILE A 88 -36.85 37.84 4.11
CA ILE A 88 -36.09 37.22 5.18
C ILE A 88 -35.13 36.19 4.57
N SER A 89 -34.08 35.89 5.32
CA SER A 89 -32.99 35.04 4.85
C SER A 89 -32.49 34.17 6.00
N GLY A 90 -32.32 32.88 5.73
CA GLY A 90 -31.78 31.96 6.72
C GLY A 90 -30.75 31.06 6.07
N GLU A 91 -29.86 30.55 6.90
CA GLU A 91 -28.73 29.76 6.42
C GLU A 91 -28.74 28.36 7.03
N ILE A 92 -28.27 27.39 6.24
CA ILE A 92 -28.15 26.01 6.67
C ILE A 92 -26.74 25.53 6.30
N ASP A 93 -25.95 25.17 7.31
CA ASP A 93 -24.60 24.68 7.11
C ASP A 93 -24.65 23.18 6.84
N VAL A 94 -24.25 22.77 5.64
CA VAL A 94 -24.32 21.38 5.22
C VAL A 94 -22.91 20.83 5.11
N ASN A 95 -22.63 19.76 5.84
CA ASN A 95 -21.37 19.04 5.77
C ASN A 95 -21.62 17.71 5.05
N VAL A 96 -20.96 17.52 3.91
CA VAL A 96 -21.10 16.31 3.10
C VAL A 96 -19.83 15.48 3.27
N ILE A 97 -19.93 14.40 4.03
CA ILE A 97 -18.80 13.54 4.29
C ILE A 97 -18.91 12.29 3.41
N ALA A 98 -17.87 11.50 3.39
CA ALA A 98 -17.85 10.26 2.62
C ALA A 98 -17.03 9.25 3.41
N ARG A 99 -16.60 8.19 2.75
CA ARG A 99 -15.84 7.10 3.36
C ARG A 99 -14.36 7.26 3.07
N PRO A 100 -13.48 6.69 3.91
CA PRO A 100 -12.04 6.88 3.73
C PRO A 100 -11.53 6.18 2.48
N SER A 101 -10.33 6.57 2.08
CA SER A 101 -9.68 5.95 0.92
C SER A 101 -8.91 4.73 1.39
N ALA A 102 -8.02 4.23 0.58
CA ALA A 102 -7.37 3.01 1.01
C ALA A 102 -6.07 3.32 1.73
N PRO A 103 -5.72 2.52 2.74
CA PRO A 103 -4.42 2.67 3.39
C PRO A 103 -3.29 2.54 2.38
N LYS A 104 -2.18 3.19 2.68
CA LYS A 104 -1.06 3.30 1.76
C LYS A 104 0.11 2.45 2.23
N GLU A 105 0.85 1.90 1.26
CA GLU A 105 2.13 1.23 1.49
C GLU A 105 1.99 0.07 2.49
N LEU A 106 1.02 -0.79 2.25
CA LEU A 106 0.85 -1.97 3.08
C LEU A 106 2.00 -2.94 2.85
N LYS A 107 2.78 -3.20 3.90
CA LYS A 107 3.89 -4.13 3.85
C LYS A 107 3.70 -5.22 4.89
N PHE A 108 4.33 -6.37 4.65
CA PHE A 108 4.35 -7.47 5.60
C PHE A 108 5.79 -7.90 5.84
N GLY A 109 6.02 -8.47 7.01
CA GLY A 109 7.35 -8.91 7.37
C GLY A 109 7.35 -9.53 8.75
N ASP A 110 8.57 -9.88 9.21
CA ASP A 110 8.75 -10.51 10.53
C ASP A 110 7.89 -11.76 10.65
N ILE A 111 7.98 -12.62 9.65
CA ILE A 111 7.14 -13.81 9.57
C ILE A 111 7.70 -14.88 10.51
N THR A 112 7.00 -15.14 11.61
CA THR A 112 7.39 -16.19 12.53
C THR A 112 6.64 -17.47 12.17
N LYS A 113 6.64 -18.45 13.09
CA LYS A 113 5.90 -19.68 12.85
C LYS A 113 4.40 -19.49 12.95
N ASP A 114 3.93 -18.41 13.58
CA ASP A 114 2.51 -18.24 13.83
C ASP A 114 2.04 -16.79 13.76
N SER A 115 2.88 -15.87 13.27
CA SER A 115 2.52 -14.45 13.26
C SER A 115 3.10 -13.80 12.01
N VAL A 116 2.45 -12.72 11.58
CA VAL A 116 2.93 -11.88 10.49
C VAL A 116 2.72 -10.42 10.89
N HIS A 117 3.78 -9.63 10.81
CA HIS A 117 3.70 -8.22 11.17
C HIS A 117 3.34 -7.40 9.94
N LEU A 118 2.35 -6.52 10.09
CA LEU A 118 1.86 -5.68 9.00
C LEU A 118 2.02 -4.21 9.39
N THR A 119 2.53 -3.40 8.46
CA THR A 119 2.67 -1.96 8.64
C THR A 119 2.08 -1.24 7.44
N TRP A 120 1.40 -0.11 7.70
CA TRP A 120 0.80 0.69 6.65
C TRP A 120 0.93 2.16 6.99
N GLU A 121 0.41 3.00 6.10
CA GLU A 121 0.47 4.46 6.21
C GLU A 121 -0.92 5.01 6.00
N PRO A 122 -1.19 6.22 6.51
CA PRO A 122 -2.56 6.74 6.48
C PRO A 122 -3.05 6.92 5.07
N PRO A 123 -4.37 6.86 4.87
CA PRO A 123 -4.92 7.10 3.53
C PRO A 123 -4.83 8.57 3.14
N ASP A 124 -4.93 8.80 1.82
CA ASP A 124 -4.83 10.16 1.29
C ASP A 124 -5.97 11.04 1.78
N ASP A 125 -7.21 10.54 1.69
CA ASP A 125 -8.39 11.27 2.10
C ASP A 125 -9.14 10.48 3.16
N ASP A 126 -9.46 11.14 4.27
CA ASP A 126 -10.25 10.56 5.34
C ASP A 126 -11.75 10.63 5.08
N GLY A 127 -12.17 11.28 4.01
CA GLY A 127 -13.59 11.44 3.74
C GLY A 127 -14.25 12.55 4.53
N GLY A 128 -13.54 13.64 4.81
CA GLY A 128 -14.13 14.75 5.53
C GLY A 128 -14.58 14.43 6.94
N SER A 129 -14.09 13.32 7.51
CA SER A 129 -14.48 12.87 8.83
C SER A 129 -13.25 12.26 9.51
N PRO A 130 -13.16 12.38 10.83
CA PRO A 130 -12.00 11.79 11.54
C PRO A 130 -11.99 10.26 11.41
N LEU A 131 -10.80 9.71 11.23
CA LEU A 131 -10.64 8.27 11.10
C LEU A 131 -10.87 7.59 12.44
N THR A 132 -11.85 6.69 12.48
CA THR A 132 -12.18 5.99 13.72
C THR A 132 -11.25 4.81 14.00
N GLY A 133 -10.57 4.29 12.98
CA GLY A 133 -9.66 3.19 13.17
C GLY A 133 -9.36 2.49 11.87
N TYR A 134 -8.71 1.34 11.98
CA TYR A 134 -8.37 0.49 10.86
C TYR A 134 -8.93 -0.91 11.09
N VAL A 135 -9.21 -1.61 10.00
CA VAL A 135 -9.76 -2.95 10.03
C VAL A 135 -8.76 -3.89 9.37
N VAL A 136 -8.49 -5.02 10.03
CA VAL A 136 -7.53 -6.00 9.57
C VAL A 136 -8.28 -7.29 9.26
N GLU A 137 -8.11 -7.81 8.04
CA GLU A 137 -8.75 -9.04 7.63
C GLU A 137 -7.73 -9.99 7.01
N LYS A 138 -8.06 -11.29 7.04
CA LYS A 138 -7.20 -12.31 6.49
C LYS A 138 -8.05 -13.33 5.73
N ARG A 139 -7.37 -14.18 4.96
CA ARG A 139 -8.00 -15.26 4.23
C ARG A 139 -6.95 -16.22 3.68
N GLU A 140 -7.04 -17.50 4.02
CA GLU A 140 -6.15 -18.47 3.41
C GLU A 140 -6.45 -18.58 1.92
N VAL A 141 -5.41 -18.71 1.11
CA VAL A 141 -5.56 -18.74 -0.34
C VAL A 141 -6.45 -19.90 -0.78
N SER A 142 -6.61 -20.94 0.04
CA SER A 142 -7.52 -22.00 -0.37
C SER A 142 -8.97 -21.60 -0.08
N ARG A 143 -9.21 -20.89 1.01
CA ARG A 143 -10.57 -20.53 1.42
C ARG A 143 -11.05 -19.29 0.65
N LYS A 144 -12.37 -19.09 0.66
CA LYS A 144 -12.99 -18.08 -0.18
C LYS A 144 -13.70 -16.97 0.60
N THR A 145 -13.52 -16.90 1.93
CA THR A 145 -14.17 -15.88 2.73
C THR A 145 -13.14 -15.18 3.60
N TRP A 146 -13.21 -13.85 3.63
CA TRP A 146 -12.33 -13.05 4.47
C TRP A 146 -12.86 -13.00 5.89
N THR A 147 -11.97 -13.22 6.86
CA THR A 147 -12.31 -13.15 8.27
C THR A 147 -11.61 -11.97 8.92
N LYS A 148 -12.33 -11.23 9.76
CA LYS A 148 -11.80 -10.03 10.39
C LYS A 148 -10.90 -10.40 11.57
N VAL A 149 -9.66 -9.94 11.53
CA VAL A 149 -8.72 -10.20 12.62
C VAL A 149 -8.87 -9.18 13.74
N MET A 150 -9.02 -7.90 13.41
CA MET A 150 -9.18 -6.86 14.41
C MET A 150 -9.83 -5.65 13.76
N ASP A 151 -10.56 -4.89 14.56
CA ASP A 151 -11.21 -3.66 14.12
C ASP A 151 -10.83 -2.54 15.07
N PHE A 152 -11.02 -1.30 14.60
CA PHE A 152 -10.74 -0.09 15.38
C PHE A 152 -9.27 -0.04 15.82
N VAL A 153 -8.38 -0.53 14.95
CA VAL A 153 -6.95 -0.45 15.22
C VAL A 153 -6.50 0.99 15.10
N THR A 154 -5.92 1.53 16.17
CA THR A 154 -5.52 2.93 16.23
C THR A 154 -4.03 3.12 15.96
N ASP A 155 -3.40 2.19 15.28
CA ASP A 155 -1.97 2.27 14.97
C ASP A 155 -1.75 2.05 13.48
N LEU A 156 -0.52 2.31 13.04
CA LEU A 156 -0.12 2.04 11.66
C LEU A 156 0.57 0.70 11.52
N GLU A 157 0.39 -0.19 12.49
CA GLU A 157 1.01 -1.52 12.46
C GLU A 157 0.12 -2.48 13.24
N PHE A 158 0.22 -3.76 12.90
CA PHE A 158 -0.51 -4.78 13.61
C PHE A 158 0.13 -6.14 13.33
N THR A 159 0.21 -6.96 14.37
CA THR A 159 0.79 -8.30 14.27
C THR A 159 -0.35 -9.31 14.26
N VAL A 160 -0.51 -10.01 13.14
CA VAL A 160 -1.59 -10.98 12.97
C VAL A 160 -1.21 -12.30 13.64
N PRO A 161 -1.93 -12.73 14.67
CA PRO A 161 -1.57 -13.96 15.37
C PRO A 161 -2.32 -15.18 14.87
N ASP A 162 -2.04 -16.34 15.50
CA ASP A 162 -2.81 -17.56 15.30
C ASP A 162 -2.74 -18.06 13.85
N LEU A 163 -1.62 -17.84 13.18
CA LEU A 163 -1.42 -18.35 11.84
C LEU A 163 -0.84 -19.77 11.91
N VAL A 164 -1.17 -20.57 10.91
CA VAL A 164 -0.85 -22.00 10.91
C VAL A 164 0.23 -22.27 9.87
N GLN A 165 1.19 -23.13 10.25
CA GLN A 165 2.28 -23.48 9.35
C GLN A 165 1.76 -24.18 8.09
N GLY A 166 2.52 -24.05 7.01
CA GLY A 166 2.15 -24.69 5.76
C GLY A 166 1.00 -24.06 5.02
N LYS A 167 0.54 -22.90 5.45
CA LYS A 167 -0.58 -22.23 4.81
C LYS A 167 -0.14 -20.88 4.26
N GLU A 168 -0.73 -20.51 3.13
CA GLU A 168 -0.53 -19.19 2.55
C GLU A 168 -1.73 -18.32 2.88
N TYR A 169 -1.46 -17.08 3.28
CA TYR A 169 -2.51 -16.16 3.70
C TYR A 169 -2.47 -14.90 2.87
N LEU A 170 -3.66 -14.32 2.65
CA LEU A 170 -3.81 -12.98 2.12
C LEU A 170 -4.23 -12.03 3.23
N PHE A 171 -3.80 -10.79 3.12
CA PHE A 171 -4.12 -9.76 4.10
C PHE A 171 -4.60 -8.51 3.39
N ARG A 172 -5.61 -7.87 3.97
CA ARG A 172 -6.06 -6.57 3.50
C ARG A 172 -6.40 -5.71 4.70
N VAL A 173 -6.15 -4.41 4.58
CA VAL A 173 -6.41 -3.46 5.65
C VAL A 173 -7.26 -2.33 5.08
N CYS A 174 -8.27 -1.90 5.86
CA CYS A 174 -9.14 -0.82 5.47
C CYS A 174 -9.07 0.31 6.49
N ALA A 175 -9.53 1.48 6.08
CA ALA A 175 -9.66 2.62 6.97
C ALA A 175 -11.15 2.86 7.24
N ARG A 176 -11.46 3.25 8.48
CA ARG A 176 -12.84 3.40 8.92
C ARG A 176 -13.20 4.85 9.14
N ASN A 177 -14.49 5.15 8.91
CA ASN A 177 -15.10 6.44 9.20
C ASN A 177 -16.32 6.27 10.08
N LYS A 178 -17.07 7.35 10.31
CA LYS A 178 -18.40 7.18 10.85
C LYS A 178 -19.36 6.67 9.80
N CYS A 179 -18.99 6.78 8.52
CA CYS A 179 -19.78 6.21 7.43
C CYS A 179 -19.51 4.73 7.23
N GLY A 180 -18.36 4.24 7.69
CA GLY A 180 -18.00 2.86 7.52
C GLY A 180 -16.62 2.70 6.91
N PRO A 181 -16.20 1.46 6.71
CA PRO A 181 -14.88 1.21 6.10
C PRO A 181 -14.85 1.64 4.65
N GLY A 182 -13.64 1.89 4.15
CA GLY A 182 -13.41 2.32 2.80
C GLY A 182 -12.76 1.25 1.94
N GLU A 183 -12.23 1.69 0.81
CA GLU A 183 -11.59 0.76 -0.12
C GLU A 183 -10.41 0.07 0.56
N PRO A 184 -10.23 -1.22 0.34
CA PRO A 184 -9.13 -1.95 0.98
C PRO A 184 -7.83 -1.88 0.19
N ALA A 185 -6.74 -2.08 0.92
CA ALA A 185 -5.41 -2.24 0.34
C ALA A 185 -4.93 -3.66 0.60
N TYR A 186 -4.52 -4.34 -0.46
CA TYR A 186 -4.10 -5.73 -0.36
C TYR A 186 -2.57 -5.83 -0.34
N VAL A 187 -2.08 -7.00 0.01
CA VAL A 187 -0.64 -7.25 0.02
C VAL A 187 -0.17 -7.53 -1.39
N ASP A 188 1.11 -7.25 -1.65
CA ASP A 188 1.65 -7.38 -3.01
C ASP A 188 1.70 -8.84 -3.44
N GLU A 189 2.13 -9.72 -2.55
CA GLU A 189 2.16 -11.16 -2.81
C GLU A 189 1.62 -11.88 -1.59
N PRO A 190 1.19 -13.13 -1.75
CA PRO A 190 0.75 -13.90 -0.58
C PRO A 190 1.88 -14.12 0.41
N VAL A 191 1.50 -14.42 1.65
CA VAL A 191 2.44 -14.68 2.73
C VAL A 191 2.42 -16.17 3.03
N ASN A 192 3.58 -16.81 2.96
CA ASN A 192 3.70 -18.25 3.16
C ASN A 192 4.60 -18.51 4.37
N MET A 193 4.04 -19.17 5.39
CA MET A 193 4.83 -19.51 6.57
C MET A 193 5.91 -20.52 6.23
N SER A 194 5.55 -21.55 5.46
CA SER A 194 6.45 -22.67 5.18
C SER A 194 7.74 -22.19 4.54
N THR A 195 7.63 -21.63 3.32
CA THR A 195 8.77 -21.11 2.56
C THR A 195 9.87 -22.16 2.48
N PRO A 196 9.73 -23.15 1.58
CA PRO A 196 10.75 -24.19 1.47
C PRO A 196 12.07 -23.59 1.02
N ALA A 197 13.15 -23.99 1.69
CA ALA A 197 14.46 -23.42 1.42
C ALA A 197 14.92 -23.78 0.01
N THR A 198 15.77 -22.91 -0.55
CA THR A 198 16.29 -23.06 -1.89
C THR A 198 17.82 -23.02 -1.83
N VAL A 199 18.42 -23.13 -3.01
CA VAL A 199 19.88 -23.06 -3.18
C VAL A 199 20.28 -21.59 -3.14
N PRO A 200 21.50 -21.26 -2.71
CA PRO A 200 21.88 -19.84 -2.62
C PRO A 200 21.98 -19.16 -3.97
N ASP A 201 22.28 -17.88 -3.95
CA ASP A 201 22.51 -17.11 -5.17
C ASP A 201 24.00 -17.07 -5.48
N PRO A 202 24.38 -16.80 -6.74
CA PRO A 202 25.79 -16.81 -7.08
C PRO A 202 26.54 -15.72 -6.36
N PRO A 203 27.83 -15.92 -6.10
CA PRO A 203 28.68 -14.80 -5.66
C PRO A 203 28.67 -13.67 -6.66
N GLU A 204 29.09 -12.49 -6.20
CA GLU A 204 28.81 -11.28 -6.96
C GLU A 204 30.05 -10.55 -7.49
N ASN A 205 31.11 -10.42 -6.69
CA ASN A 205 32.26 -9.57 -7.08
C ASN A 205 33.56 -10.37 -6.97
N VAL A 206 33.77 -11.25 -7.94
CA VAL A 206 34.99 -12.05 -8.00
C VAL A 206 36.10 -11.20 -8.57
N LYS A 207 37.16 -10.99 -7.79
CA LYS A 207 38.31 -10.21 -8.19
C LYS A 207 39.58 -10.98 -7.87
N TRP A 208 40.69 -10.55 -8.48
CA TRP A 208 41.96 -11.27 -8.37
C TRP A 208 43.10 -10.32 -8.04
N ARG A 209 44.06 -10.84 -7.27
CA ARG A 209 45.26 -10.11 -6.91
C ARG A 209 46.36 -11.12 -6.64
N ASP A 210 47.60 -10.64 -6.65
CA ASP A 210 48.80 -11.45 -6.43
C ASP A 210 48.84 -12.64 -7.40
N ARG A 211 48.98 -12.29 -8.67
CA ARG A 211 48.98 -13.26 -9.76
C ARG A 211 50.42 -13.61 -10.11
N THR A 212 50.76 -14.89 -9.98
CA THR A 212 52.09 -15.40 -10.31
C THR A 212 51.98 -16.44 -11.43
N ALA A 213 53.09 -17.13 -11.69
CA ALA A 213 53.10 -18.17 -12.71
C ALA A 213 52.39 -19.44 -12.27
N ASN A 214 52.26 -19.67 -10.96
CA ASN A 214 51.65 -20.89 -10.45
C ASN A 214 50.51 -20.64 -9.47
N SER A 215 50.16 -19.40 -9.19
CA SER A 215 49.15 -19.12 -8.18
C SER A 215 48.40 -17.85 -8.54
N ILE A 216 47.24 -17.69 -7.91
CA ILE A 216 46.46 -16.46 -7.97
C ILE A 216 45.57 -16.42 -6.74
N PHE A 217 45.29 -15.22 -6.25
CA PHE A 217 44.49 -15.03 -5.05
C PHE A 217 43.15 -14.39 -5.45
N LEU A 218 42.05 -15.07 -5.12
CA LEU A 218 40.73 -14.64 -5.52
C LEU A 218 39.92 -14.18 -4.32
N THR A 219 39.15 -13.10 -4.51
CA THR A 219 38.25 -12.58 -3.50
C THR A 219 36.88 -12.38 -4.13
N TRP A 220 35.82 -12.74 -3.40
CA TRP A 220 34.46 -12.61 -3.89
C TRP A 220 33.56 -12.14 -2.78
N ASP A 221 32.34 -11.76 -3.14
CA ASP A 221 31.36 -11.26 -2.20
C ASP A 221 30.28 -12.30 -1.94
N PRO A 222 29.86 -12.45 -0.69
CA PRO A 222 28.79 -13.39 -0.39
C PRO A 222 27.49 -12.95 -1.05
N PRO A 223 26.67 -13.89 -1.50
CA PRO A 223 25.40 -13.53 -2.13
C PRO A 223 24.45 -12.89 -1.13
N LYS A 224 23.45 -12.20 -1.67
CA LYS A 224 22.45 -11.55 -0.83
C LYS A 224 21.46 -12.56 -0.27
N ASN A 225 20.99 -13.49 -1.08
CA ASN A 225 20.00 -14.49 -0.67
C ASN A 225 20.72 -15.81 -0.41
N ASP A 226 20.71 -16.26 0.85
CA ASP A 226 21.28 -17.55 1.22
C ASP A 226 20.34 -18.71 0.90
N GLY A 227 19.14 -18.43 0.42
CA GLY A 227 18.17 -19.45 0.07
C GLY A 227 17.38 -20.01 1.23
N GLY A 228 17.44 -19.39 2.41
CA GLY A 228 16.81 -19.92 3.59
C GLY A 228 17.68 -20.83 4.42
N SER A 229 18.87 -21.17 3.94
CA SER A 229 19.80 -22.03 4.67
C SER A 229 21.15 -21.33 4.79
N ARG A 230 21.87 -21.68 5.85
CA ARG A 230 23.18 -21.07 6.08
C ARG A 230 24.16 -21.40 4.96
N ILE A 231 24.98 -20.42 4.61
CA ILE A 231 26.03 -20.62 3.60
C ILE A 231 27.10 -21.52 4.21
N LYS A 232 27.16 -22.77 3.76
CA LYS A 232 28.15 -23.70 4.31
C LYS A 232 29.55 -23.35 3.84
N GLY A 233 29.70 -22.95 2.59
CA GLY A 233 31.02 -22.63 2.07
C GLY A 233 30.95 -22.25 0.61
N TYR A 234 32.10 -22.29 -0.05
CA TYR A 234 32.23 -21.90 -1.45
C TYR A 234 33.11 -22.89 -2.19
N ILE A 235 32.93 -22.94 -3.52
CA ILE A 235 33.71 -23.81 -4.39
C ILE A 235 34.24 -22.97 -5.54
N VAL A 236 35.56 -22.93 -5.70
CA VAL A 236 36.21 -22.16 -6.76
C VAL A 236 36.52 -23.10 -7.92
N GLU A 237 36.23 -22.66 -9.14
CA GLU A 237 36.44 -23.47 -10.33
C GLU A 237 37.27 -22.71 -11.35
N ARG A 238 37.85 -23.46 -12.28
CA ARG A 238 38.89 -22.96 -13.18
C ARG A 238 38.62 -23.46 -14.59
N CYS A 239 38.90 -22.61 -15.59
CA CYS A 239 38.74 -23.03 -16.97
C CYS A 239 39.90 -22.54 -17.83
N PRO A 240 40.75 -23.44 -18.32
CA PRO A 240 41.80 -23.02 -19.25
C PRO A 240 41.21 -22.55 -20.57
N ARG A 241 42.01 -21.74 -21.27
CA ARG A 241 41.55 -21.18 -22.55
C ARG A 241 41.25 -22.27 -23.57
N GLY A 242 42.12 -23.27 -23.67
CA GLY A 242 41.98 -24.27 -24.71
C GLY A 242 40.98 -25.37 -24.40
N SER A 243 39.99 -25.09 -23.55
CA SER A 243 38.99 -26.07 -23.19
C SER A 243 37.74 -25.37 -22.69
N ASP A 244 36.65 -26.13 -22.59
CA ASP A 244 35.41 -25.68 -21.98
C ASP A 244 35.05 -26.55 -20.79
N LYS A 245 36.07 -27.09 -20.11
CA LYS A 245 35.90 -27.93 -18.93
C LYS A 245 36.26 -27.11 -17.69
N TRP A 246 35.30 -26.95 -16.78
CA TRP A 246 35.52 -26.24 -15.54
C TRP A 246 35.98 -27.24 -14.48
N VAL A 247 37.18 -27.01 -13.94
CA VAL A 247 37.78 -27.90 -12.95
C VAL A 247 37.74 -27.23 -11.59
N ALA A 248 37.47 -28.02 -10.55
CA ALA A 248 37.41 -27.48 -9.20
C ALA A 248 38.80 -27.27 -8.64
N CYS A 249 39.00 -26.15 -7.95
CA CYS A 249 40.29 -25.80 -7.37
C CYS A 249 40.28 -26.12 -5.88
N GLY A 250 41.19 -26.99 -5.48
CA GLY A 250 41.27 -27.37 -4.08
C GLY A 250 39.99 -28.05 -3.62
N GLU A 251 39.51 -27.65 -2.45
CA GLU A 251 38.33 -28.20 -1.81
C GLU A 251 37.44 -27.07 -1.34
N PRO A 252 36.19 -27.38 -0.97
CA PRO A 252 35.30 -26.33 -0.44
C PRO A 252 35.92 -25.60 0.74
N VAL A 253 35.77 -24.28 0.73
CA VAL A 253 36.29 -23.41 1.77
C VAL A 253 35.15 -22.61 2.36
N ALA A 254 35.31 -22.19 3.60
CA ALA A 254 34.28 -21.44 4.31
C ALA A 254 34.48 -19.94 4.25
N GLU A 255 35.58 -19.48 3.62
CA GLU A 255 35.91 -18.07 3.55
C GLU A 255 35.57 -17.50 2.18
N THR A 256 35.51 -16.17 2.10
CA THR A 256 35.31 -15.47 0.85
C THR A 256 36.62 -15.21 0.11
N LYS A 257 37.66 -15.98 0.42
CA LYS A 257 38.96 -15.87 -0.22
C LYS A 257 39.51 -17.26 -0.48
N MET A 258 40.35 -17.37 -1.51
CA MET A 258 41.07 -18.60 -1.78
C MET A 258 42.25 -18.28 -2.69
N GLU A 259 43.37 -18.98 -2.44
CA GLU A 259 44.57 -18.87 -3.27
C GLU A 259 44.66 -20.13 -4.11
N VAL A 260 44.28 -20.03 -5.39
CA VAL A 260 44.40 -21.16 -6.30
C VAL A 260 45.86 -21.40 -6.62
N THR A 261 46.27 -22.67 -6.58
CA THR A 261 47.63 -23.07 -6.91
C THR A 261 47.60 -24.19 -7.95
N GLY A 262 48.78 -24.68 -8.30
CA GLY A 262 48.92 -25.70 -9.32
C GLY A 262 48.77 -25.21 -10.75
N LEU A 263 48.73 -23.90 -10.95
CA LEU A 263 48.53 -23.35 -12.29
C LEU A 263 49.80 -23.50 -13.13
N GLU A 264 49.60 -23.77 -14.41
CA GLU A 264 50.69 -23.96 -15.35
C GLU A 264 51.09 -22.62 -15.96
N GLU A 265 52.39 -22.32 -15.92
CA GLU A 265 52.87 -21.04 -16.45
C GLU A 265 52.58 -20.94 -17.94
N GLY A 266 52.18 -19.75 -18.37
CA GLY A 266 51.89 -19.49 -19.76
C GLY A 266 50.47 -19.77 -20.20
N LYS A 267 49.64 -20.34 -19.33
CA LYS A 267 48.25 -20.61 -19.65
C LYS A 267 47.34 -19.49 -19.15
N TRP A 268 46.20 -19.35 -19.80
CA TRP A 268 45.20 -18.33 -19.48
C TRP A 268 43.99 -19.02 -18.85
N TYR A 269 43.60 -18.57 -17.66
CA TYR A 269 42.54 -19.19 -16.89
C TYR A 269 41.46 -18.18 -16.54
N ALA A 270 40.21 -18.63 -16.55
CA ALA A 270 39.10 -17.90 -15.99
C ALA A 270 38.62 -18.60 -14.74
N TYR A 271 37.98 -17.86 -13.85
CA TYR A 271 37.62 -18.36 -12.53
C TYR A 271 36.18 -18.01 -12.19
N ARG A 272 35.53 -18.91 -11.45
CA ARG A 272 34.16 -18.70 -11.00
C ARG A 272 33.97 -19.40 -9.67
N VAL A 273 33.00 -18.91 -8.88
CA VAL A 273 32.75 -19.39 -7.53
C VAL A 273 31.28 -19.76 -7.39
N LYS A 274 31.01 -20.77 -6.55
CA LYS A 274 29.66 -21.19 -6.20
C LYS A 274 29.47 -21.09 -4.69
N ALA A 275 28.22 -20.82 -4.28
CA ALA A 275 27.85 -20.75 -2.87
C ALA A 275 27.11 -22.02 -2.48
N LEU A 276 27.50 -22.60 -1.35
CA LEU A 276 26.98 -23.90 -0.91
C LEU A 276 26.11 -23.74 0.33
N ASN A 277 25.05 -24.53 0.41
CA ASN A 277 24.22 -24.61 1.62
C ASN A 277 23.75 -26.06 1.74
N ARG A 278 22.70 -26.27 2.54
CA ARG A 278 22.19 -27.63 2.73
C ARG A 278 21.48 -28.13 1.48
N GLN A 279 20.78 -27.24 0.77
CA GLN A 279 19.99 -27.65 -0.38
C GLN A 279 20.84 -27.98 -1.60
N GLY A 280 22.12 -27.61 -1.60
CA GLY A 280 22.98 -27.85 -2.74
C GLY A 280 23.93 -26.70 -3.01
N ALA A 281 24.31 -26.51 -4.26
CA ALA A 281 25.24 -25.45 -4.64
C ALA A 281 24.54 -24.46 -5.55
N SER A 282 24.91 -23.18 -5.41
CA SER A 282 24.33 -22.14 -6.21
C SER A 282 24.77 -22.25 -7.66
N LYS A 283 24.18 -21.43 -8.51
CA LYS A 283 24.70 -21.26 -9.85
C LYS A 283 26.04 -20.53 -9.77
N PRO A 284 26.97 -20.82 -10.67
CA PRO A 284 28.30 -20.21 -10.58
C PRO A 284 28.25 -18.71 -10.79
N SER A 285 29.16 -18.01 -10.12
CA SER A 285 29.26 -16.57 -10.29
C SER A 285 29.64 -16.23 -11.73
N ARG A 286 29.49 -14.96 -12.08
CA ARG A 286 29.91 -14.50 -13.40
C ARG A 286 31.40 -14.73 -13.54
N PRO A 287 31.86 -15.48 -14.53
CA PRO A 287 33.28 -15.81 -14.63
C PRO A 287 34.12 -14.57 -14.87
N THR A 288 35.33 -14.59 -14.33
CA THR A 288 36.25 -13.49 -14.52
C THR A 288 36.91 -13.59 -15.89
N GLU A 289 37.71 -12.59 -16.23
CA GLU A 289 38.42 -12.59 -17.50
C GLU A 289 39.48 -13.70 -17.52
N GLU A 290 39.98 -13.99 -18.71
CA GLU A 290 41.06 -14.96 -18.87
C GLU A 290 42.38 -14.32 -18.51
N ILE A 291 43.04 -14.84 -17.48
CA ILE A 291 44.23 -14.24 -16.88
C ILE A 291 45.41 -15.15 -17.15
N GLN A 292 46.44 -14.60 -17.78
CA GLN A 292 47.64 -15.38 -18.08
C GLN A 292 48.45 -15.63 -16.81
N ALA A 293 48.84 -16.88 -16.60
CA ALA A 293 49.69 -17.25 -15.47
C ALA A 293 51.12 -16.90 -15.83
N VAL A 294 51.62 -15.80 -15.28
CA VAL A 294 52.99 -15.35 -15.53
C VAL A 294 53.40 -14.48 -14.35
N ASP A 295 54.69 -14.52 -14.01
CA ASP A 295 55.19 -13.71 -12.93
C ASP A 295 55.34 -12.26 -13.37
N THR A 296 55.39 -11.36 -12.39
CA THR A 296 55.53 -9.95 -12.68
C THR A 296 56.89 -9.66 -13.29
N GLN A 297 56.96 -8.61 -14.12
CA GLN A 297 58.13 -8.31 -14.92
C GLN A 297 58.55 -6.86 -14.72
N GLU A 298 59.59 -6.45 -15.45
CA GLU A 298 60.16 -5.12 -15.37
C GLU A 298 60.62 -4.77 -13.96
#